data_6UUY
#
_entry.id   6UUY
#
_cell.length_a   51.690
_cell.length_b   73.210
_cell.length_c   138.790
_cell.angle_alpha   90.000
_cell.angle_beta   90.000
_cell.angle_gamma   90.000
#
_symmetry.space_group_name_H-M   'P 21 21 21'
#
loop_
_entity.id
_entity.type
_entity.pdbx_description
1 polymer Sulfotransferase
2 non-polymer "ADENOSINE-3'-5'-DIPHOSPHATE"
3 non-polymer hycanthone
4 non-polymer (4S)-2-METHYL-2,4-PENTANEDIOL
5 non-polymer 'CALCIUM ION'
6 non-polymer BICINE
7 water water
#
_entity_poly.entity_id   1
_entity_poly.type   'polypeptide(L)'
_entity_poly.pdbx_seq_one_letter_code
;GAMSTTSTTIQVIGAGLPRTGTNSMKKALEIIYSKPCYHMYEIIFKKQSDISIWQQLIDETHKTTSDKRKIYNGLNELLN
GYIATTDLPSCSFYKELMTMYPNAKVLLTIRDKYDWLYSLRKVVLPKSTDPWKLKIEEGDQVLGIDSNFYKMSEDSLKFA
FQKNHINLDDDEILLECYDEYNRLVQEIVPPERLLIHHLGDGWESLCQFLNVDIPNGISYPCANSHHQMTQLTEQLIKHK
SLDDIIHMFPGLI
;
_entity_poly.pdbx_strand_id   A,B
#
# COMPACT_ATOMS: atom_id res chain seq x y z
N THR A 8 3.11 -24.40 -20.67
CA THR A 8 2.76 -23.74 -19.41
C THR A 8 3.77 -24.02 -18.30
N THR A 9 4.19 -22.95 -17.61
CA THR A 9 5.19 -23.01 -16.55
C THR A 9 4.76 -22.07 -15.43
N ILE A 10 5.40 -22.19 -14.27
CA ILE A 10 4.99 -21.38 -13.12
C ILE A 10 5.49 -19.96 -13.29
N GLN A 11 4.55 -19.01 -13.30
CA GLN A 11 4.86 -17.59 -13.42
C GLN A 11 4.79 -16.84 -12.09
N VAL A 12 4.03 -17.35 -11.12
CA VAL A 12 3.82 -16.68 -9.85
C VAL A 12 3.84 -17.72 -8.74
N ILE A 13 4.64 -17.46 -7.71
CA ILE A 13 4.75 -18.31 -6.52
C ILE A 13 4.09 -17.57 -5.37
N GLY A 14 3.00 -18.12 -4.84
CA GLY A 14 2.32 -17.51 -3.71
C GLY A 14 2.84 -18.01 -2.38
N ALA A 15 3.53 -17.15 -1.63
CA ALA A 15 4.15 -17.56 -0.37
C ALA A 15 3.26 -17.35 0.86
N GLY A 16 2.10 -16.71 0.72
CA GLY A 16 1.25 -16.45 1.87
C GLY A 16 0.66 -17.70 2.50
N LEU A 17 0.46 -17.64 3.82
CA LEU A 17 -0.06 -18.76 4.60
C LEU A 17 -1.58 -18.88 4.43
N PRO A 18 -2.15 -20.03 4.76
CA PRO A 18 -3.62 -20.15 4.73
C PRO A 18 -4.31 -19.12 5.60
N ARG A 19 -5.50 -18.72 5.16
CA ARG A 19 -6.35 -17.72 5.80
C ARG A 19 -5.82 -16.30 5.60
N THR A 20 -4.97 -16.06 4.59
CA THR A 20 -4.52 -14.73 4.23
C THR A 20 -5.09 -14.29 2.88
N GLY A 21 -6.15 -14.92 2.39
CA GLY A 21 -6.67 -14.59 1.09
C GLY A 21 -6.10 -15.41 -0.05
N THR A 22 -5.61 -16.62 0.23
CA THR A 22 -4.98 -17.43 -0.80
C THR A 22 -5.97 -17.90 -1.86
N ASN A 23 -7.21 -18.22 -1.44
CA ASN A 23 -8.16 -18.69 -2.43
C ASN A 23 -8.57 -17.57 -3.37
N SER A 24 -8.77 -16.37 -2.83
CA SER A 24 -9.05 -15.22 -3.69
C SER A 24 -7.89 -14.94 -4.64
N MET A 25 -6.66 -15.06 -4.15
CA MET A 25 -5.50 -14.85 -5.01
C MET A 25 -5.41 -15.92 -6.09
N LYS A 26 -5.68 -17.17 -5.73
CA LYS A 26 -5.77 -18.24 -6.72
C LYS A 26 -6.74 -17.87 -7.83
N LYS A 27 -7.93 -17.41 -7.45
CA LYS A 27 -8.95 -17.04 -8.43
C LYS A 27 -8.51 -15.83 -9.25
N ALA A 28 -7.86 -14.86 -8.61
CA ALA A 28 -7.37 -13.67 -9.29
C ALA A 28 -6.33 -14.02 -10.36
N LEU A 29 -5.40 -14.91 -10.02
CA LEU A 29 -4.40 -15.35 -10.99
C LEU A 29 -5.04 -16.15 -12.12
N GLU A 30 -6.05 -16.97 -11.82
CA GLU A 30 -6.74 -17.68 -12.88
C GLU A 30 -7.46 -16.72 -13.82
N ILE A 31 -7.98 -15.61 -13.28
CA ILE A 31 -8.58 -14.58 -14.14
C ILE A 31 -7.52 -13.95 -15.04
N ILE A 32 -6.39 -13.55 -14.44
CA ILE A 32 -5.36 -12.84 -15.20
C ILE A 32 -4.81 -13.70 -16.33
N TYR A 33 -4.48 -14.96 -16.03
CA TYR A 33 -3.74 -15.81 -16.97
C TYR A 33 -4.63 -16.75 -17.76
N SER A 34 -5.87 -16.97 -17.36
CA SER A 34 -6.75 -17.96 -18.01
C SER A 34 -6.17 -19.37 -17.97
N LYS A 35 -5.42 -19.69 -16.92
CA LYS A 35 -4.83 -21.00 -16.71
C LYS A 35 -4.91 -21.30 -15.22
N PRO A 36 -4.82 -22.56 -14.82
CA PRO A 36 -5.10 -22.92 -13.42
C PRO A 36 -4.00 -22.50 -12.44
N CYS A 37 -4.42 -22.28 -11.20
CA CYS A 37 -3.51 -21.97 -10.10
C CYS A 37 -3.69 -23.02 -9.00
N TYR A 38 -2.59 -23.46 -8.41
CA TYR A 38 -2.64 -24.47 -7.36
C TYR A 38 -3.12 -23.87 -6.03
N HIS A 39 -3.66 -24.72 -5.18
CA HIS A 39 -4.22 -24.35 -3.88
C HIS A 39 -4.54 -25.64 -3.14
N MET A 40 -4.67 -25.56 -1.81
CA MET A 40 -5.07 -26.75 -1.06
C MET A 40 -6.39 -27.31 -1.60
N TYR A 41 -7.28 -26.44 -2.07
CA TYR A 41 -8.57 -26.92 -2.58
C TYR A 41 -8.42 -27.76 -3.85
N GLU A 42 -7.33 -27.59 -4.60
CA GLU A 42 -7.06 -28.50 -5.70
C GLU A 42 -6.88 -29.93 -5.19
N ILE A 43 -6.17 -30.08 -4.07
CA ILE A 43 -5.97 -31.41 -3.48
C ILE A 43 -7.29 -31.96 -2.96
N ILE A 44 -7.99 -31.17 -2.15
CA ILE A 44 -9.18 -31.67 -1.47
C ILE A 44 -10.26 -32.06 -2.48
N PHE A 45 -10.51 -31.19 -3.44
CA PHE A 45 -11.68 -31.35 -4.29
C PHE A 45 -11.39 -32.00 -5.63
N LYS A 46 -10.12 -32.08 -6.05
CA LYS A 46 -9.83 -32.56 -7.40
C LYS A 46 -8.77 -33.65 -7.48
N LYS A 47 -7.85 -33.71 -6.52
CA LYS A 47 -6.68 -34.58 -6.68
C LYS A 47 -6.15 -35.04 -5.32
N GLN A 48 -6.95 -35.83 -4.60
CA GLN A 48 -6.51 -36.35 -3.32
C GLN A 48 -5.35 -37.33 -3.45
N SER A 49 -5.12 -37.89 -4.64
CA SER A 49 -3.93 -38.71 -4.85
C SER A 49 -2.64 -37.92 -4.68
N ASP A 50 -2.70 -36.58 -4.74
CA ASP A 50 -1.51 -35.75 -4.55
C ASP A 50 -1.02 -35.77 -3.10
N ILE A 51 -1.87 -36.16 -2.15
CA ILE A 51 -1.53 -36.07 -0.73
C ILE A 51 -0.24 -36.85 -0.43
N SER A 52 -0.17 -38.10 -0.90
CA SER A 52 0.99 -38.92 -0.58
C SER A 52 2.25 -38.40 -1.24
N ILE A 53 2.13 -37.75 -2.41
CA ILE A 53 3.29 -37.17 -3.08
C ILE A 53 3.83 -35.99 -2.27
N TRP A 54 2.95 -35.08 -1.86
CA TRP A 54 3.37 -33.99 -0.98
C TRP A 54 4.00 -34.51 0.29
N GLN A 55 3.41 -35.56 0.88
CA GLN A 55 3.97 -36.12 2.11
C GLN A 55 5.40 -36.60 1.89
N GLN A 56 5.68 -37.23 0.74
CA GLN A 56 7.03 -37.70 0.45
C GLN A 56 8.01 -36.55 0.33
N LEU A 57 7.60 -35.46 -0.31
CA LEU A 57 8.50 -34.31 -0.44
C LEU A 57 8.77 -33.66 0.90
N ILE A 58 7.73 -33.53 1.74
CA ILE A 58 7.93 -32.96 3.07
C ILE A 58 8.84 -33.86 3.90
N ASP A 59 8.64 -35.18 3.81
CA ASP A 59 9.51 -36.11 4.52
C ASP A 59 10.97 -35.93 4.10
N GLU A 60 11.20 -35.68 2.81
CA GLU A 60 12.55 -35.52 2.30
C GLU A 60 13.28 -34.37 2.98
N THR A 61 12.55 -33.30 3.35
CA THR A 61 13.19 -32.13 3.94
C THR A 61 13.77 -32.43 5.32
N HIS A 62 13.36 -33.54 5.95
CA HIS A 62 13.84 -33.89 7.29
C HIS A 62 15.16 -34.64 7.26
N LYS A 63 15.57 -35.15 6.11
CA LYS A 63 16.81 -35.91 6.04
C LYS A 63 18.02 -35.01 6.27
N THR A 64 19.13 -35.62 6.68
CA THR A 64 20.35 -34.85 6.91
C THR A 64 20.80 -34.13 5.66
N THR A 65 20.71 -34.81 4.50
CA THR A 65 20.87 -34.17 3.20
C THR A 65 19.58 -34.41 2.43
N SER A 66 18.80 -33.37 2.24
CA SER A 66 17.61 -33.49 1.42
C SER A 66 18.02 -33.59 -0.05
N ASP A 67 17.42 -34.54 -0.76
CA ASP A 67 17.67 -34.70 -2.19
C ASP A 67 16.89 -33.58 -2.87
N LYS A 68 17.56 -32.44 -3.08
CA LYS A 68 16.85 -31.29 -3.63
C LYS A 68 16.33 -31.57 -5.03
N ARG A 69 17.04 -32.37 -5.82
CA ARG A 69 16.57 -32.68 -7.17
C ARG A 69 15.34 -33.58 -7.14
N LYS A 70 15.26 -34.51 -6.18
CA LYS A 70 14.02 -35.25 -5.98
C LYS A 70 12.86 -34.31 -5.68
N ILE A 71 13.11 -33.29 -4.87
CA ILE A 71 12.09 -32.30 -4.53
C ILE A 71 11.70 -31.48 -5.75
N TYR A 72 12.70 -30.96 -6.48
CA TYR A 72 12.40 -30.19 -7.69
C TYR A 72 11.56 -31.02 -8.66
N ASN A 73 11.96 -32.28 -8.88
CA ASN A 73 11.25 -33.12 -9.83
C ASN A 73 9.83 -33.43 -9.36
N GLY A 74 9.65 -33.68 -8.07
CA GLY A 74 8.31 -33.91 -7.56
C GLY A 74 7.43 -32.67 -7.65
N LEU A 75 7.98 -31.51 -7.30
CA LEU A 75 7.23 -30.26 -7.45
C LEU A 75 6.84 -30.04 -8.91
N ASN A 76 7.77 -30.28 -9.84
CA ASN A 76 7.47 -30.06 -11.26
C ASN A 76 6.32 -30.95 -11.72
N GLU A 77 6.30 -32.20 -11.26
CA GLU A 77 5.22 -33.12 -11.62
C GLU A 77 3.90 -32.70 -11.01
N LEU A 78 3.91 -32.36 -9.71
CA LEU A 78 2.68 -31.92 -9.04
C LEU A 78 2.09 -30.69 -9.72
N LEU A 79 2.93 -29.78 -10.20
CA LEU A 79 2.48 -28.49 -10.71
C LEU A 79 2.31 -28.46 -12.22
N ASN A 80 2.48 -29.60 -12.89
CA ASN A 80 2.28 -29.64 -14.33
C ASN A 80 0.88 -29.12 -14.68
N GLY A 81 0.83 -28.20 -15.65
CA GLY A 81 -0.43 -27.64 -16.10
C GLY A 81 -0.86 -26.39 -15.35
N TYR A 82 -0.18 -26.04 -14.27
CA TYR A 82 -0.51 -24.87 -13.49
C TYR A 82 0.42 -23.72 -13.84
N ILE A 83 -0.13 -22.50 -13.76
CA ILE A 83 0.63 -21.28 -14.01
C ILE A 83 1.07 -20.59 -12.73
N ALA A 84 0.57 -21.02 -11.58
CA ALA A 84 0.89 -20.35 -10.33
C ALA A 84 0.56 -21.30 -9.18
N THR A 85 1.08 -20.95 -7.99
CA THR A 85 0.83 -21.68 -6.76
C THR A 85 0.38 -20.71 -5.68
N THR A 86 -0.51 -21.19 -4.80
CA THR A 86 -0.84 -20.51 -3.55
C THR A 86 -1.07 -21.56 -2.47
N ASP A 87 -1.06 -21.09 -1.22
CA ASP A 87 -1.51 -21.86 -0.05
C ASP A 87 -0.52 -22.94 0.36
N LEU A 88 -0.74 -23.53 1.54
CA LEU A 88 -0.09 -24.78 1.86
C LEU A 88 -0.66 -25.88 0.95
N PRO A 89 0.11 -26.93 0.68
CA PRO A 89 1.49 -27.16 1.13
C PRO A 89 2.53 -26.42 0.29
N SER A 90 2.13 -25.89 -0.87
CA SER A 90 3.12 -25.39 -1.82
C SER A 90 3.89 -24.20 -1.27
N CYS A 91 3.26 -23.33 -0.47
CA CYS A 91 3.96 -22.12 -0.04
C CYS A 91 5.16 -22.44 0.83
N SER A 92 5.13 -23.57 1.54
CA SER A 92 6.28 -23.94 2.36
C SER A 92 7.52 -24.24 1.52
N PHE A 93 7.35 -24.51 0.23
CA PHE A 93 8.44 -24.76 -0.71
C PHE A 93 8.77 -23.53 -1.54
N TYR A 94 8.42 -22.32 -1.08
CA TYR A 94 8.63 -21.14 -1.92
C TYR A 94 10.10 -20.96 -2.33
N LYS A 95 11.05 -21.34 -1.48
CA LYS A 95 12.45 -21.16 -1.85
C LYS A 95 12.86 -22.13 -2.94
N GLU A 96 12.41 -23.39 -2.85
CA GLU A 96 12.70 -24.35 -3.89
C GLU A 96 12.05 -23.95 -5.21
N LEU A 97 10.80 -23.46 -5.15
CA LEU A 97 10.14 -23.02 -6.36
C LEU A 97 10.85 -21.82 -6.99
N MET A 98 11.37 -20.90 -6.16
CA MET A 98 12.12 -19.77 -6.70
C MET A 98 13.35 -20.23 -7.46
N THR A 99 14.01 -21.28 -6.97
CA THR A 99 15.17 -21.82 -7.67
C THR A 99 14.77 -22.49 -8.98
N MET A 100 13.70 -23.27 -8.96
CA MET A 100 13.25 -23.97 -10.16
C MET A 100 12.78 -22.99 -11.23
N TYR A 101 12.15 -21.90 -10.82
CA TYR A 101 11.51 -20.95 -11.74
C TYR A 101 12.10 -19.56 -11.50
N PRO A 102 13.34 -19.33 -11.95
CA PRO A 102 14.01 -18.05 -11.64
C PRO A 102 13.30 -16.83 -12.18
N ASN A 103 12.43 -16.98 -13.19
CA ASN A 103 11.67 -15.86 -13.70
C ASN A 103 10.31 -15.69 -13.03
N ALA A 104 9.92 -16.61 -12.16
CA ALA A 104 8.66 -16.47 -11.46
C ALA A 104 8.75 -15.36 -10.43
N LYS A 105 7.68 -14.57 -10.33
CA LYS A 105 7.56 -13.57 -9.29
C LYS A 105 6.91 -14.19 -8.06
N VAL A 106 7.16 -13.57 -6.90
CA VAL A 106 6.67 -14.08 -5.62
C VAL A 106 5.63 -13.11 -5.05
N LEU A 107 4.50 -13.64 -4.63
CA LEU A 107 3.48 -12.89 -3.89
C LEU A 107 3.47 -13.33 -2.44
N LEU A 108 3.34 -12.37 -1.54
CA LEU A 108 3.11 -12.67 -0.13
C LEU A 108 1.77 -12.03 0.26
N THR A 109 0.71 -12.84 0.34
CA THR A 109 -0.53 -12.36 0.91
C THR A 109 -0.40 -12.33 2.42
N ILE A 110 -0.92 -11.27 3.04
CA ILE A 110 -0.73 -11.02 4.46
C ILE A 110 -1.94 -10.28 5.01
N ARG A 111 -2.11 -10.37 6.33
CA ARG A 111 -3.19 -9.68 7.03
C ARG A 111 -2.80 -9.53 8.50
N ASP A 112 -3.62 -8.76 9.22
CA ASP A 112 -3.45 -8.60 10.66
C ASP A 112 -3.37 -9.97 11.34
N LYS A 113 -2.38 -10.14 12.23
CA LYS A 113 -2.12 -11.47 12.79
C LYS A 113 -3.24 -11.95 13.70
N TYR A 114 -3.93 -11.05 14.39
CA TYR A 114 -5.02 -11.48 15.26
C TYR A 114 -6.25 -11.89 14.46
N ASP A 115 -6.54 -11.15 13.36
CA ASP A 115 -7.58 -11.59 12.44
C ASP A 115 -7.23 -12.95 11.86
N TRP A 116 -5.97 -13.14 11.49
CA TRP A 116 -5.52 -14.42 10.92
C TRP A 116 -5.70 -15.56 11.92
N LEU A 117 -5.27 -15.37 13.17
CA LEU A 117 -5.37 -16.45 14.15
C LEU A 117 -6.81 -16.89 14.36
N TYR A 118 -7.72 -15.94 14.50
CA TYR A 118 -9.14 -16.30 14.66
C TYR A 118 -9.64 -17.11 13.48
N SER A 119 -9.32 -16.65 12.26
CA SER A 119 -9.73 -17.34 11.05
C SER A 119 -9.16 -18.76 11.00
N LEU A 120 -7.86 -18.89 11.31
CA LEU A 120 -7.20 -20.19 11.31
C LEU A 120 -7.87 -21.15 12.29
N ARG A 121 -8.14 -20.67 13.51
CA ARG A 121 -8.74 -21.51 14.54
C ARG A 121 -10.16 -21.91 14.20
N LYS A 122 -10.89 -21.08 13.47
CA LYS A 122 -12.29 -21.37 13.17
C LYS A 122 -12.44 -22.35 12.01
N VAL A 123 -11.43 -22.45 11.14
CA VAL A 123 -11.59 -23.11 9.84
C VAL A 123 -10.64 -24.30 9.68
N VAL A 124 -9.34 -24.09 9.93
CA VAL A 124 -8.37 -25.12 9.53
C VAL A 124 -7.58 -25.76 10.67
N LEU A 125 -7.40 -25.06 11.78
CA LEU A 125 -6.54 -25.55 12.87
C LEU A 125 -7.13 -25.17 14.23
N PRO A 126 -8.30 -25.72 14.55
CA PRO A 126 -8.83 -25.52 15.90
C PRO A 126 -7.90 -26.15 16.93
N LYS A 127 -7.99 -25.66 18.16
CA LYS A 127 -7.28 -26.31 19.25
C LYS A 127 -7.81 -27.72 19.46
N SER A 128 -6.93 -28.61 19.91
CA SER A 128 -7.34 -29.99 20.12
C SER A 128 -8.44 -30.11 21.17
N THR A 129 -8.57 -29.13 22.06
CA THR A 129 -9.58 -29.14 23.10
C THR A 129 -10.87 -28.46 22.68
N ASP A 130 -10.95 -27.99 21.43
CA ASP A 130 -12.13 -27.29 20.94
C ASP A 130 -13.12 -28.32 20.41
N PRO A 131 -14.34 -28.38 20.94
CA PRO A 131 -15.33 -29.33 20.39
C PRO A 131 -15.65 -29.08 18.92
N TRP A 132 -15.44 -27.86 18.44
CA TRP A 132 -15.66 -27.59 17.01
C TRP A 132 -14.73 -28.42 16.14
N LYS A 133 -13.58 -28.85 16.67
CA LYS A 133 -12.67 -29.69 15.90
C LYS A 133 -13.35 -30.96 15.44
N LEU A 134 -14.12 -31.60 16.32
CA LEU A 134 -14.83 -32.81 15.93
C LEU A 134 -15.86 -32.54 14.84
N LYS A 135 -16.48 -31.36 14.85
CA LYS A 135 -17.43 -31.01 13.79
C LYS A 135 -16.71 -30.84 12.46
N ILE A 136 -15.60 -30.10 12.45
CA ILE A 136 -14.81 -29.94 11.23
C ILE A 136 -14.41 -31.30 10.67
N GLU A 137 -13.92 -32.18 11.55
CA GLU A 137 -13.47 -33.50 11.09
C GLU A 137 -14.63 -34.32 10.53
N GLU A 138 -15.80 -34.24 11.17
CA GLU A 138 -16.94 -35.00 10.69
C GLU A 138 -17.39 -34.50 9.32
N GLY A 139 -17.44 -33.18 9.14
CA GLY A 139 -17.75 -32.65 7.82
C GLY A 139 -16.72 -33.04 6.78
N ASP A 140 -15.43 -32.93 7.15
CA ASP A 140 -14.36 -33.27 6.21
C ASP A 140 -14.41 -34.73 5.80
N GLN A 141 -14.88 -35.62 6.67
CA GLN A 141 -14.96 -37.02 6.31
C GLN A 141 -15.86 -37.23 5.10
N VAL A 142 -16.94 -36.44 5.00
CA VAL A 142 -17.81 -36.48 3.81
C VAL A 142 -17.02 -36.25 2.53
N LEU A 143 -15.98 -35.41 2.59
CA LEU A 143 -15.16 -35.09 1.42
C LEU A 143 -14.10 -36.14 1.13
N GLY A 144 -14.00 -37.18 1.93
CA GLY A 144 -12.94 -38.16 1.78
C GLY A 144 -11.66 -37.83 2.53
N ILE A 145 -11.64 -36.73 3.28
CA ILE A 145 -10.45 -36.34 4.02
C ILE A 145 -10.28 -37.25 5.23
N ASP A 146 -9.06 -37.69 5.49
CA ASP A 146 -8.78 -38.55 6.63
C ASP A 146 -7.47 -38.11 7.28
N SER A 147 -6.96 -38.95 8.18
CA SER A 147 -5.77 -38.60 8.96
C SER A 147 -4.56 -38.36 8.07
N ASN A 148 -4.49 -39.03 6.91
CA ASN A 148 -3.36 -38.82 6.01
C ASN A 148 -3.35 -37.39 5.49
N PHE A 149 -4.52 -36.82 5.21
CA PHE A 149 -4.58 -35.43 4.79
C PHE A 149 -4.10 -34.51 5.90
N TYR A 150 -4.59 -34.72 7.12
CA TYR A 150 -4.24 -33.83 8.23
C TYR A 150 -2.75 -33.91 8.55
N LYS A 151 -2.17 -35.10 8.44
N LYS A 151 -2.17 -35.11 8.45
CA LYS A 151 -0.74 -35.24 8.72
CA LYS A 151 -0.74 -35.25 8.70
C LYS A 151 0.08 -34.48 7.68
C LYS A 151 0.08 -34.48 7.68
N MET A 152 -0.29 -34.60 6.39
CA MET A 152 0.42 -33.86 5.37
C MET A 152 0.30 -32.36 5.59
N SER A 153 -0.90 -31.88 5.92
CA SER A 153 -1.12 -30.45 6.09
C SER A 153 -0.36 -29.92 7.29
N GLU A 154 -0.46 -30.60 8.45
CA GLU A 154 0.30 -30.19 9.62
C GLU A 154 1.79 -30.22 9.34
N ASP A 155 2.27 -31.27 8.67
CA ASP A 155 3.70 -31.35 8.38
C ASP A 155 4.15 -30.20 7.49
N SER A 156 3.30 -29.80 6.52
CA SER A 156 3.67 -28.68 5.67
C SER A 156 3.70 -27.37 6.46
N LEU A 157 2.80 -27.22 7.44
CA LEU A 157 2.80 -26.02 8.28
C LEU A 157 4.05 -25.97 9.13
N LYS A 158 4.41 -27.11 9.76
CA LYS A 158 5.62 -27.16 10.57
C LYS A 158 6.87 -26.90 9.72
N PHE A 159 6.85 -27.38 8.47
CA PHE A 159 7.96 -27.09 7.56
C PHE A 159 8.04 -25.60 7.24
N ALA A 160 6.90 -24.97 6.98
CA ALA A 160 6.90 -23.53 6.77
C ALA A 160 7.45 -22.78 7.98
N PHE A 161 7.07 -23.21 9.19
CA PHE A 161 7.52 -22.59 10.42
C PHE A 161 8.91 -23.05 10.87
N GLN A 162 9.51 -24.02 10.17
CA GLN A 162 10.88 -24.47 10.47
C GLN A 162 11.02 -25.07 11.87
N LYS A 163 10.02 -25.87 12.25
CA LYS A 163 10.02 -26.48 13.60
C LYS A 163 9.66 -27.96 13.51
N ASN A 164 10.41 -28.79 14.23
CA ASN A 164 10.07 -30.21 14.34
C ASN A 164 8.97 -30.40 15.39
N HIS A 165 9.11 -29.73 16.53
CA HIS A 165 8.14 -29.81 17.62
C HIS A 165 7.57 -28.42 17.83
N ILE A 166 6.24 -28.33 17.79
CA ILE A 166 5.56 -27.09 18.07
C ILE A 166 4.22 -27.42 18.69
N ASN A 167 3.88 -26.71 19.77
CA ASN A 167 2.58 -26.88 20.39
C ASN A 167 1.57 -26.08 19.59
N LEU A 168 0.86 -26.75 18.67
CA LEU A 168 -0.09 -26.07 17.80
C LEU A 168 -1.28 -25.52 18.57
N ASP A 169 -1.48 -25.93 19.82
CA ASP A 169 -2.58 -25.45 20.65
C ASP A 169 -2.27 -24.13 21.33
N ASP A 170 -1.06 -23.60 21.19
CA ASP A 170 -0.65 -22.39 21.90
C ASP A 170 -0.75 -21.20 20.94
N ASP A 171 -1.75 -20.34 21.16
CA ASP A 171 -1.92 -19.16 20.32
C ASP A 171 -0.69 -18.27 20.32
N GLU A 172 0.00 -18.15 21.46
CA GLU A 172 1.20 -17.32 21.51
C GLU A 172 2.27 -17.82 20.55
N ILE A 173 2.42 -19.14 20.44
CA ILE A 173 3.38 -19.72 19.51
C ILE A 173 2.97 -19.49 18.07
N LEU A 174 1.68 -19.68 17.75
CA LEU A 174 1.24 -19.49 16.36
C LEU A 174 1.43 -18.04 15.91
N LEU A 175 1.09 -17.08 16.77
CA LEU A 175 1.24 -15.68 16.40
C LEU A 175 2.71 -15.36 16.11
N GLU A 176 3.61 -15.85 16.96
CA GLU A 176 5.02 -15.58 16.73
C GLU A 176 5.55 -16.27 15.48
N CYS A 177 5.09 -17.49 15.20
CA CYS A 177 5.52 -18.18 13.99
C CYS A 177 5.01 -17.48 12.74
N TYR A 178 3.77 -16.97 12.79
CA TYR A 178 3.22 -16.22 11.67
C TYR A 178 4.07 -15.00 11.36
N ASP A 179 4.36 -14.18 12.38
CA ASP A 179 5.17 -13.00 12.16
C ASP A 179 6.56 -13.36 11.64
N GLU A 180 7.16 -14.41 12.20
CA GLU A 180 8.50 -14.80 11.76
C GLU A 180 8.50 -15.32 10.33
N TYR A 181 7.47 -16.08 9.95
CA TYR A 181 7.39 -16.59 8.58
C TYR A 181 7.31 -15.43 7.59
N ASN A 182 6.41 -14.48 7.86
CA ASN A 182 6.25 -13.35 6.96
C ASN A 182 7.51 -12.51 6.90
N ARG A 183 8.16 -12.30 8.05
CA ARG A 183 9.43 -11.55 8.07
C ARG A 183 10.48 -12.27 7.23
N LEU A 184 10.57 -13.59 7.35
CA LEU A 184 11.60 -14.34 6.63
C LEU A 184 11.39 -14.27 5.12
N VAL A 185 10.13 -14.33 4.65
CA VAL A 185 9.89 -14.19 3.22
C VAL A 185 10.44 -12.84 2.72
N GLN A 186 10.17 -11.77 3.46
N GLN A 186 10.16 -11.76 3.47
CA GLN A 186 10.64 -10.45 3.03
CA GLN A 186 10.63 -10.44 3.05
C GLN A 186 12.15 -10.34 3.10
C GLN A 186 12.14 -10.33 3.10
N GLU A 187 12.79 -11.07 3.99
CA GLU A 187 14.24 -11.05 4.07
C GLU A 187 14.88 -11.87 2.94
N ILE A 188 14.26 -12.98 2.57
CA ILE A 188 14.84 -13.93 1.62
C ILE A 188 14.57 -13.55 0.18
N VAL A 189 13.37 -13.10 -0.16
CA VAL A 189 13.06 -12.74 -1.54
C VAL A 189 13.55 -11.31 -1.80
N PRO A 190 14.33 -11.06 -2.84
CA PRO A 190 14.71 -9.69 -3.20
C PRO A 190 13.47 -8.84 -3.43
N PRO A 191 13.48 -7.58 -2.95
CA PRO A 191 12.27 -6.74 -3.05
C PRO A 191 11.72 -6.61 -4.47
N GLU A 192 12.60 -6.53 -5.47
CA GLU A 192 12.16 -6.45 -6.85
C GLU A 192 11.37 -7.67 -7.30
N ARG A 193 11.56 -8.82 -6.64
CA ARG A 193 10.89 -10.05 -7.00
C ARG A 193 9.63 -10.34 -6.17
N LEU A 194 9.32 -9.49 -5.20
CA LEU A 194 8.28 -9.75 -4.22
C LEU A 194 7.23 -8.65 -4.25
N LEU A 195 5.96 -9.05 -4.19
CA LEU A 195 4.86 -8.13 -3.93
C LEU A 195 4.16 -8.59 -2.66
N ILE A 196 4.10 -7.70 -1.67
CA ILE A 196 3.31 -7.94 -0.46
C ILE A 196 1.90 -7.40 -0.73
N HIS A 197 0.92 -8.29 -0.67
CA HIS A 197 -0.47 -7.96 -1.01
C HIS A 197 -1.28 -8.10 0.27
N HIS A 198 -1.71 -6.97 0.80
CA HIS A 198 -2.49 -6.95 2.03
C HIS A 198 -3.95 -7.20 1.70
N LEU A 199 -4.63 -7.86 2.63
CA LEU A 199 -6.05 -8.15 2.43
C LEU A 199 -6.78 -6.85 2.11
N GLY A 200 -7.48 -6.85 0.97
CA GLY A 200 -8.18 -5.68 0.49
C GLY A 200 -7.47 -4.87 -0.57
N ASP A 201 -6.21 -5.21 -0.93
CA ASP A 201 -5.45 -4.39 -1.87
C ASP A 201 -5.99 -4.45 -3.30
N GLY A 202 -6.69 -5.53 -3.66
CA GLY A 202 -7.30 -5.57 -4.99
C GLY A 202 -6.32 -5.70 -6.15
N TRP A 203 -6.78 -5.25 -7.32
CA TRP A 203 -6.09 -5.51 -8.58
C TRP A 203 -4.85 -4.65 -8.79
N GLU A 204 -4.85 -3.40 -8.34
CA GLU A 204 -3.92 -2.41 -8.87
C GLU A 204 -2.47 -2.84 -8.69
N SER A 205 -2.07 -3.14 -7.45
CA SER A 205 -0.68 -3.51 -7.22
C SER A 205 -0.34 -4.83 -7.89
N LEU A 206 -1.28 -5.79 -7.89
CA LEU A 206 -1.03 -7.09 -8.47
C LEU A 206 -0.82 -6.98 -9.99
N CYS A 207 -1.69 -6.24 -10.66
CA CYS A 207 -1.59 -6.13 -12.11
C CYS A 207 -0.34 -5.37 -12.54
N GLN A 208 0.03 -4.31 -11.82
CA GLN A 208 1.25 -3.59 -12.15
C GLN A 208 2.46 -4.51 -11.99
N PHE A 209 2.49 -5.29 -10.90
CA PHE A 209 3.58 -6.20 -10.63
C PHE A 209 3.71 -7.26 -11.71
N LEU A 210 2.58 -7.72 -12.26
CA LEU A 210 2.58 -8.77 -13.27
C LEU A 210 2.55 -8.23 -14.71
N ASN A 211 2.64 -6.92 -14.89
CA ASN A 211 2.71 -6.31 -16.22
C ASN A 211 1.45 -6.59 -17.05
N VAL A 212 0.28 -6.57 -16.40
CA VAL A 212 -1.00 -6.70 -17.08
C VAL A 212 -1.89 -5.53 -16.70
N ASP A 213 -2.92 -5.32 -17.52
CA ASP A 213 -3.91 -4.31 -17.22
C ASP A 213 -4.87 -4.81 -16.15
N ILE A 214 -5.56 -3.88 -15.52
CA ILE A 214 -6.62 -4.27 -14.57
C ILE A 214 -7.77 -4.87 -15.36
N PRO A 215 -8.26 -6.06 -15.00
CA PRO A 215 -9.35 -6.69 -15.76
C PRO A 215 -10.60 -5.81 -15.78
N ASN A 216 -11.07 -5.51 -16.98
CA ASN A 216 -12.16 -4.55 -17.15
C ASN A 216 -13.48 -5.17 -16.70
N GLY A 217 -14.13 -4.51 -15.74
CA GLY A 217 -15.43 -4.94 -15.29
C GLY A 217 -15.47 -6.20 -14.47
N ILE A 218 -14.31 -6.71 -14.06
CA ILE A 218 -14.21 -7.93 -13.26
C ILE A 218 -13.60 -7.54 -11.92
N SER A 219 -14.34 -7.78 -10.85
CA SER A 219 -13.90 -7.37 -9.53
C SER A 219 -12.92 -8.38 -8.94
N TYR A 220 -12.08 -7.90 -8.02
CA TYR A 220 -11.14 -8.78 -7.36
C TYR A 220 -11.91 -9.79 -6.48
N PRO A 221 -11.57 -11.08 -6.53
CA PRO A 221 -12.37 -12.08 -5.80
C PRO A 221 -12.37 -11.88 -4.29
N CYS A 222 -13.47 -12.28 -3.67
CA CYS A 222 -13.61 -12.22 -2.21
C CYS A 222 -14.19 -13.55 -1.73
N ALA A 223 -13.37 -14.58 -1.74
CA ALA A 223 -13.81 -15.95 -1.52
C ALA A 223 -13.35 -16.48 -0.16
N ASN A 224 -14.07 -17.51 0.33
CA ASN A 224 -13.55 -18.41 1.36
C ASN A 224 -13.58 -17.80 2.77
N SER A 225 -14.63 -17.04 3.08
CA SER A 225 -14.76 -16.44 4.40
C SER A 225 -15.02 -17.49 5.47
N HIS A 226 -14.69 -17.14 6.73
CA HIS A 226 -14.95 -18.08 7.81
C HIS A 226 -16.43 -18.32 8.00
N HIS A 227 -17.27 -17.33 7.70
N HIS A 227 -17.28 -17.34 7.70
CA HIS A 227 -18.71 -17.53 7.79
CA HIS A 227 -18.71 -17.56 7.80
C HIS A 227 -19.15 -18.64 6.84
C HIS A 227 -19.17 -18.64 6.83
N GLN A 228 -18.68 -18.58 5.58
CA GLN A 228 -19.03 -19.59 4.60
C GLN A 228 -18.47 -20.96 4.97
N MET A 229 -17.24 -20.99 5.50
CA MET A 229 -16.63 -22.27 5.86
C MET A 229 -17.38 -22.94 7.01
N THR A 230 -17.79 -22.17 8.02
CA THR A 230 -18.58 -22.74 9.10
C THR A 230 -19.89 -23.31 8.56
N GLN A 231 -20.53 -22.59 7.64
CA GLN A 231 -21.75 -23.10 7.03
C GLN A 231 -21.47 -24.37 6.24
N LEU A 232 -20.34 -24.44 5.53
CA LEU A 232 -19.99 -25.63 4.76
C LEU A 232 -19.86 -26.85 5.67
N THR A 233 -19.11 -26.72 6.76
CA THR A 233 -19.03 -27.83 7.73
C THR A 233 -20.41 -28.24 8.22
N GLU A 234 -21.25 -27.26 8.57
CA GLU A 234 -22.58 -27.59 9.09
C GLU A 234 -23.42 -28.33 8.06
N GLN A 235 -23.35 -27.90 6.80
CA GLN A 235 -24.18 -28.53 5.78
C GLN A 235 -23.65 -29.89 5.36
N LEU A 236 -22.32 -30.06 5.35
CA LEU A 236 -21.76 -31.39 5.11
C LEU A 236 -22.23 -32.37 6.18
N ILE A 237 -22.23 -31.94 7.44
CA ILE A 237 -22.70 -32.82 8.52
C ILE A 237 -24.17 -33.15 8.35
N LYS A 238 -24.99 -32.14 8.02
CA LYS A 238 -26.43 -32.33 7.93
C LYS A 238 -26.81 -33.26 6.79
N HIS A 239 -26.21 -33.08 5.62
CA HIS A 239 -26.64 -33.77 4.40
C HIS A 239 -25.72 -34.91 3.95
N LYS A 240 -24.49 -34.97 4.45
CA LYS A 240 -23.58 -36.09 4.19
C LYS A 240 -23.25 -36.24 2.71
N SER A 241 -23.29 -35.14 1.95
CA SER A 241 -23.01 -35.19 0.52
C SER A 241 -22.61 -33.80 0.04
N LEU A 242 -21.46 -33.71 -0.61
CA LEU A 242 -21.05 -32.44 -1.21
C LEU A 242 -21.96 -32.07 -2.37
N ASP A 243 -22.24 -33.03 -3.26
CA ASP A 243 -23.06 -32.73 -4.42
C ASP A 243 -24.43 -32.23 -4.05
N ASP A 244 -24.97 -32.70 -2.91
CA ASP A 244 -26.30 -32.27 -2.49
C ASP A 244 -26.33 -30.84 -1.95
N ILE A 245 -25.17 -30.29 -1.59
CA ILE A 245 -25.11 -28.97 -0.97
C ILE A 245 -24.32 -27.95 -1.78
N ILE A 246 -23.68 -28.34 -2.88
CA ILE A 246 -22.74 -27.42 -3.54
C ILE A 246 -23.45 -26.17 -4.06
N HIS A 247 -24.75 -26.27 -4.36
CA HIS A 247 -25.49 -25.10 -4.80
C HIS A 247 -25.61 -24.02 -3.74
N MET A 248 -25.31 -24.34 -2.47
CA MET A 248 -25.31 -23.33 -1.42
C MET A 248 -24.00 -22.58 -1.34
N PHE A 249 -22.97 -22.99 -2.09
CA PHE A 249 -21.62 -22.47 -1.93
C PHE A 249 -21.01 -22.08 -3.28
N PRO A 250 -21.61 -21.13 -3.97
CA PRO A 250 -21.06 -20.70 -5.25
C PRO A 250 -19.75 -19.95 -5.08
N GLY A 251 -18.86 -20.08 -6.06
CA GLY A 251 -17.62 -19.35 -6.05
C GLY A 251 -16.60 -19.84 -5.05
N LEU A 252 -16.63 -21.13 -4.75
CA LEU A 252 -15.67 -21.71 -3.80
C LEU A 252 -14.76 -22.73 -4.48
N ILE A 253 -15.31 -23.78 -5.07
CA ILE A 253 -14.47 -24.79 -5.72
C ILE A 253 -14.07 -24.35 -7.12
N THR B 8 7.61 21.77 -22.37
CA THR B 8 7.22 22.34 -21.09
C THR B 8 8.25 22.07 -19.99
N THR B 9 8.61 23.13 -19.26
CA THR B 9 9.61 23.08 -18.20
C THR B 9 9.12 23.92 -17.02
N ILE B 10 9.78 23.79 -15.88
CA ILE B 10 9.34 24.50 -14.69
C ILE B 10 9.68 25.98 -14.82
N GLN B 11 8.67 26.84 -14.70
CA GLN B 11 8.82 28.28 -14.76
C GLN B 11 8.75 28.96 -13.40
N VAL B 12 8.06 28.35 -12.44
CA VAL B 12 7.88 28.94 -11.11
C VAL B 12 8.05 27.82 -10.09
N ILE B 13 8.87 28.08 -9.07
CA ILE B 13 9.07 27.16 -7.95
C ILE B 13 8.38 27.80 -6.75
N GLY B 14 7.35 27.14 -6.23
CA GLY B 14 6.62 27.68 -5.09
C GLY B 14 7.15 27.13 -3.79
N ALA B 15 7.83 27.97 -3.01
CA ALA B 15 8.51 27.54 -1.79
C ALA B 15 7.64 27.61 -0.53
N GLY B 16 6.44 28.17 -0.61
CA GLY B 16 5.61 28.31 0.58
C GLY B 16 5.16 26.98 1.16
N LEU B 17 5.03 26.96 2.50
CA LEU B 17 4.66 25.76 3.23
C LEU B 17 3.15 25.50 3.14
N PRO B 18 2.72 24.27 3.45
CA PRO B 18 1.28 23.98 3.47
C PRO B 18 0.52 24.93 4.39
N ARG B 19 -0.71 25.23 3.99
CA ARG B 19 -1.62 26.14 4.70
C ARG B 19 -1.24 27.61 4.58
N THR B 20 -0.42 27.97 3.58
CA THR B 20 -0.13 29.37 3.28
C THR B 20 -0.81 29.83 1.98
N GLY B 21 -1.83 29.11 1.51
CA GLY B 21 -2.45 29.45 0.25
C GLY B 21 -1.83 28.77 -0.96
N THR B 22 -1.21 27.59 -0.76
CA THR B 22 -0.54 26.92 -1.87
C THR B 22 -1.52 26.41 -2.92
N ASN B 23 -2.70 25.95 -2.51
CA ASN B 23 -3.65 25.46 -3.51
C ASN B 23 -4.19 26.60 -4.36
N SER B 24 -4.47 27.75 -3.75
CA SER B 24 -4.86 28.92 -4.53
C SER B 24 -3.75 29.35 -5.47
N MET B 25 -2.49 29.32 -5.00
CA MET B 25 -1.37 29.68 -5.87
C MET B 25 -1.24 28.70 -7.04
N LYS B 26 -1.38 27.40 -6.76
CA LYS B 26 -1.41 26.39 -7.81
C LYS B 26 -2.45 26.75 -8.87
N LYS B 27 -3.67 27.07 -8.42
CA LYS B 27 -4.74 27.42 -9.36
C LYS B 27 -4.42 28.70 -10.12
N ALA B 28 -3.83 29.69 -9.43
CA ALA B 28 -3.48 30.95 -10.07
C ALA B 28 -2.45 30.76 -11.16
N LEU B 29 -1.42 29.94 -10.89
CA LEU B 29 -0.39 29.65 -11.88
C LEU B 29 -0.96 28.86 -13.05
N GLU B 30 -1.91 27.95 -12.78
CA GLU B 30 -2.57 27.24 -13.87
C GLU B 30 -3.38 28.19 -14.74
N ILE B 31 -3.98 29.22 -14.15
CA ILE B 31 -4.68 30.24 -14.93
C ILE B 31 -3.70 31.03 -15.79
N ILE B 32 -2.59 31.47 -15.18
CA ILE B 32 -1.62 32.31 -15.89
C ILE B 32 -1.01 31.56 -17.07
N TYR B 33 -0.62 30.31 -16.86
CA TYR B 33 0.18 29.58 -17.85
C TYR B 33 -0.61 28.59 -18.68
N SER B 34 -1.83 28.25 -18.28
CA SER B 34 -2.66 27.27 -19.00
C SER B 34 -2.00 25.88 -19.06
N LYS B 35 -1.21 25.55 -18.05
CA LYS B 35 -0.55 24.25 -17.93
C LYS B 35 -0.53 23.87 -16.45
N PRO B 36 -0.37 22.58 -16.13
CA PRO B 36 -0.57 22.13 -14.74
C PRO B 36 0.52 22.58 -13.79
N CYS B 37 0.14 22.74 -12.52
CA CYS B 37 1.05 23.07 -11.43
C CYS B 37 0.99 21.94 -10.39
N TYR B 38 2.15 21.57 -9.85
CA TYR B 38 2.19 20.49 -8.87
C TYR B 38 1.70 20.97 -7.52
N HIS B 39 1.23 20.03 -6.70
CA HIS B 39 0.69 20.28 -5.36
C HIS B 39 0.52 18.92 -4.69
N MET B 40 0.47 18.91 -3.36
CA MET B 40 0.16 17.65 -2.69
C MET B 40 -1.12 17.01 -3.22
N TYR B 41 -2.10 17.83 -3.64
CA TYR B 41 -3.35 17.28 -4.12
C TYR B 41 -3.18 16.52 -5.45
N GLU B 42 -2.15 16.84 -6.22
CA GLU B 42 -1.85 16.01 -7.39
C GLU B 42 -1.54 14.58 -6.95
N ILE B 43 -0.77 14.43 -5.88
CA ILE B 43 -0.45 13.09 -5.37
C ILE B 43 -1.71 12.40 -4.85
N ILE B 44 -2.47 13.08 -3.98
CA ILE B 44 -3.60 12.44 -3.31
C ILE B 44 -4.66 12.02 -4.30
N PHE B 45 -5.02 12.93 -5.22
CA PHE B 45 -6.19 12.73 -6.04
C PHE B 45 -5.89 12.20 -7.43
N LYS B 46 -4.63 12.28 -7.89
CA LYS B 46 -4.32 11.87 -9.26
C LYS B 46 -3.20 10.86 -9.41
N LYS B 47 -2.23 10.82 -8.48
CA LYS B 47 -1.02 10.04 -8.73
C LYS B 47 -0.40 9.56 -7.42
N GLN B 48 -1.08 8.65 -6.72
CA GLN B 48 -0.55 8.10 -5.48
C GLN B 48 0.71 7.27 -5.70
N SER B 49 0.95 6.79 -6.91
CA SER B 49 2.21 6.12 -7.22
C SER B 49 3.42 7.04 -7.04
N ASP B 50 3.23 8.37 -7.02
CA ASP B 50 4.35 9.29 -6.78
C ASP B 50 4.86 9.22 -5.35
N ILE B 51 4.07 8.71 -4.39
CA ILE B 51 4.47 8.72 -2.99
C ILE B 51 5.81 8.02 -2.80
N SER B 52 5.96 6.82 -3.37
CA SER B 52 7.19 6.06 -3.16
C SER B 52 8.39 6.73 -3.83
N ILE B 53 8.17 7.46 -4.93
CA ILE B 53 9.27 8.17 -5.57
C ILE B 53 9.76 9.33 -4.70
N TRP B 54 8.82 10.13 -4.18
CA TRP B 54 9.20 11.19 -3.24
C TRP B 54 9.93 10.62 -2.03
N GLN B 55 9.46 9.49 -1.50
CA GLN B 55 10.11 8.87 -0.35
C GLN B 55 11.56 8.51 -0.67
N GLN B 56 11.81 7.96 -1.85
CA GLN B 56 13.17 7.62 -2.24
C GLN B 56 14.05 8.85 -2.36
N LEU B 57 13.49 9.96 -2.86
CA LEU B 57 14.29 11.18 -2.97
C LEU B 57 14.65 11.74 -1.60
N ILE B 58 13.68 11.75 -0.68
CA ILE B 58 13.97 12.20 0.68
C ILE B 58 14.99 11.29 1.34
N ASP B 59 14.82 9.97 1.17
CA ASP B 59 15.78 9.03 1.77
C ASP B 59 17.19 9.29 1.24
N GLU B 60 17.31 9.66 -0.04
CA GLU B 60 18.63 9.92 -0.61
C GLU B 60 19.33 11.05 0.13
N THR B 61 18.59 12.07 0.58
CA THR B 61 19.20 13.19 1.30
C THR B 61 19.73 12.77 2.66
N HIS B 62 19.25 11.66 3.22
CA HIS B 62 19.68 11.24 4.54
C HIS B 62 20.97 10.42 4.52
N LYS B 63 21.44 10.04 3.34
CA LYS B 63 22.64 9.23 3.25
C LYS B 63 23.87 10.08 3.53
N THR B 64 24.93 9.41 3.98
CA THR B 64 26.22 10.09 4.12
C THR B 64 26.70 10.62 2.79
N THR B 65 26.58 9.82 1.74
CA THR B 65 26.98 10.21 0.40
C THR B 65 25.72 10.16 -0.45
N SER B 66 25.18 11.34 -0.77
N SER B 66 25.22 11.34 -0.82
CA SER B 66 23.98 11.47 -1.57
CA SER B 66 23.97 11.49 -1.56
C SER B 66 24.36 11.66 -3.03
C SER B 66 24.25 11.80 -3.02
N ASP B 67 23.53 11.12 -3.92
CA ASP B 67 23.74 11.27 -5.36
C ASP B 67 22.76 12.32 -5.89
N LYS B 68 23.25 13.54 -6.13
CA LYS B 68 22.35 14.62 -6.51
C LYS B 68 21.68 14.37 -7.85
N ARG B 69 22.36 13.64 -8.76
CA ARG B 69 21.75 13.36 -10.05
C ARG B 69 20.61 12.36 -9.93
N LYS B 70 20.66 11.46 -8.95
CA LYS B 70 19.50 10.61 -8.67
C LYS B 70 18.30 11.47 -8.26
N ILE B 71 18.54 12.48 -7.42
CA ILE B 71 17.48 13.38 -6.99
C ILE B 71 16.96 14.22 -8.16
N TYR B 72 17.87 14.82 -8.94
CA TYR B 72 17.43 15.64 -10.06
C TYR B 72 16.63 14.82 -11.06
N ASN B 73 17.08 13.60 -11.36
N ASN B 73 17.11 13.61 -11.38
CA ASN B 73 16.36 12.81 -12.34
CA ASN B 73 16.40 12.75 -12.31
C ASN B 73 15.02 12.32 -11.81
C ASN B 73 15.00 12.41 -11.79
N GLY B 74 14.91 12.09 -10.50
CA GLY B 74 13.61 11.78 -9.92
C GLY B 74 12.66 12.97 -9.98
N LEU B 75 13.16 14.17 -9.63
CA LEU B 75 12.34 15.37 -9.72
C LEU B 75 11.90 15.63 -11.16
N ASN B 76 12.81 15.46 -12.12
CA ASN B 76 12.46 15.64 -13.53
C ASN B 76 11.33 14.70 -13.94
N GLU B 77 11.39 13.45 -13.50
CA GLU B 77 10.34 12.49 -13.84
C GLU B 77 9.01 12.87 -13.17
N LEU B 78 9.06 13.22 -11.87
CA LEU B 78 7.84 13.56 -11.15
C LEU B 78 7.15 14.76 -11.76
N LEU B 79 7.92 15.74 -12.23
CA LEU B 79 7.38 17.02 -12.67
C LEU B 79 7.18 17.10 -14.17
N ASN B 80 7.37 15.99 -14.88
CA ASN B 80 7.13 15.98 -16.32
C ASN B 80 5.71 16.43 -16.62
N GLY B 81 5.57 17.40 -17.52
CA GLY B 81 4.28 17.95 -17.85
C GLY B 81 3.82 19.13 -17.04
N TYR B 82 4.52 19.48 -15.96
CA TYR B 82 4.12 20.59 -15.11
C TYR B 82 4.94 21.84 -15.42
N ILE B 83 4.31 23.01 -15.25
CA ILE B 83 5.00 24.29 -15.42
C ILE B 83 5.40 24.95 -14.12
N ALA B 84 4.96 24.44 -12.98
CA ALA B 84 5.23 25.08 -11.70
C ALA B 84 5.04 24.05 -10.61
N THR B 85 5.58 24.36 -9.44
CA THR B 85 5.42 23.53 -8.25
C THR B 85 4.90 24.39 -7.11
N THR B 86 4.12 23.77 -6.23
CA THR B 86 3.76 24.35 -4.94
C THR B 86 3.67 23.22 -3.92
N ASP B 87 3.72 23.61 -2.64
CA ASP B 87 3.36 22.75 -1.51
C ASP B 87 4.45 21.74 -1.17
N LEU B 88 4.30 21.06 -0.04
CA LEU B 88 5.05 19.83 0.18
C LEU B 88 4.51 18.75 -0.76
N PRO B 89 5.34 17.77 -1.12
CA PRO B 89 6.75 17.62 -0.74
C PRO B 89 7.69 18.48 -1.58
N SER B 90 7.21 19.04 -2.69
CA SER B 90 8.12 19.67 -3.65
C SER B 90 8.85 20.87 -3.03
N CYS B 91 8.21 21.64 -2.16
CA CYS B 91 8.85 22.85 -1.64
C CYS B 91 10.07 22.53 -0.80
N SER B 92 10.13 21.33 -0.20
CA SER B 92 11.32 20.96 0.56
C SER B 92 12.55 20.82 -0.34
N PHE B 93 12.35 20.64 -1.65
CA PHE B 93 13.40 20.56 -2.64
C PHE B 93 13.61 21.86 -3.42
N TYR B 94 13.20 23.01 -2.86
CA TYR B 94 13.28 24.24 -3.65
C TYR B 94 14.72 24.57 -4.06
N LYS B 95 15.71 24.24 -3.22
CA LYS B 95 17.08 24.55 -3.61
C LYS B 95 17.53 23.68 -4.78
N GLU B 96 17.12 22.41 -4.78
CA GLU B 96 17.44 21.52 -5.90
C GLU B 96 16.74 21.98 -7.17
N LEU B 97 15.46 22.35 -7.06
CA LEU B 97 14.73 22.86 -8.22
C LEU B 97 15.34 24.14 -8.76
N MET B 98 15.81 25.04 -7.87
CA MET B 98 16.45 26.25 -8.34
C MET B 98 17.71 25.95 -9.15
N THR B 99 18.42 24.87 -8.79
CA THR B 99 19.63 24.50 -9.50
C THR B 99 19.28 23.84 -10.85
N MET B 100 18.23 23.02 -10.87
CA MET B 100 17.83 22.35 -12.10
C MET B 100 17.25 23.33 -13.11
N TYR B 101 16.56 24.36 -12.62
CA TYR B 101 15.83 25.31 -13.46
C TYR B 101 16.34 26.70 -13.09
N PRO B 102 17.53 27.07 -13.57
CA PRO B 102 18.16 28.32 -13.10
C PRO B 102 17.39 29.57 -13.44
N ASN B 103 16.49 29.54 -14.45
CA ASN B 103 15.69 30.67 -14.82
C ASN B 103 14.27 30.63 -14.28
N ALA B 104 13.92 29.63 -13.48
CA ALA B 104 12.61 29.61 -12.84
C ALA B 104 12.60 30.60 -11.68
N LYS B 105 11.53 31.37 -11.59
CA LYS B 105 11.35 32.30 -10.48
C LYS B 105 10.83 31.56 -9.26
N VAL B 106 11.06 32.13 -8.07
CA VAL B 106 10.64 31.52 -6.82
C VAL B 106 9.54 32.37 -6.19
N LEU B 107 8.46 31.71 -5.79
CA LEU B 107 7.36 32.32 -5.06
C LEU B 107 7.40 31.80 -3.63
N LEU B 108 7.25 32.69 -2.65
CA LEU B 108 7.10 32.29 -1.26
C LEU B 108 5.74 32.79 -0.78
N THR B 109 4.76 31.89 -0.67
CA THR B 109 3.50 32.27 -0.03
C THR B 109 3.68 32.23 1.48
N ILE B 110 3.10 33.22 2.15
CA ILE B 110 3.34 33.42 3.57
C ILE B 110 2.08 34.00 4.21
N ARG B 111 1.95 33.80 5.52
CA ARG B 111 0.84 34.35 6.29
C ARG B 111 1.26 34.46 7.74
N ASP B 112 0.37 35.06 8.53
CA ASP B 112 0.55 35.20 10.00
C ASP B 112 0.87 33.82 10.57
N LYS B 113 1.92 33.71 11.33
CA LYS B 113 2.37 32.40 11.86
C LYS B 113 1.33 31.74 12.78
N TYR B 114 0.56 32.52 13.54
CA TYR B 114 -0.44 31.94 14.47
C TYR B 114 -1.62 31.39 13.67
N ASP B 115 -2.08 32.15 12.68
CA ASP B 115 -3.12 31.64 11.78
C ASP B 115 -2.64 30.38 11.06
N TRP B 116 -1.38 30.38 10.62
CA TRP B 116 -0.80 29.22 9.96
C TRP B 116 -0.85 28.00 10.88
N LEU B 117 -0.34 28.14 12.11
CA LEU B 117 -0.32 27.01 13.03
C LEU B 117 -1.72 26.46 13.27
N TYR B 118 -2.69 27.36 13.48
CA TYR B 118 -4.06 26.90 13.71
C TYR B 118 -4.56 26.10 12.52
N SER B 119 -4.35 26.61 11.31
CA SER B 119 -4.78 25.93 10.10
C SER B 119 -4.08 24.58 9.94
N LEU B 120 -2.77 24.55 10.19
CA LEU B 120 -2.02 23.29 10.13
C LEU B 120 -2.59 22.25 11.09
N ARG B 121 -2.85 22.64 12.34
CA ARG B 121 -3.36 21.71 13.34
C ARG B 121 -4.77 21.23 12.99
N LYS B 122 -5.58 22.07 12.35
CA LYS B 122 -6.95 21.69 12.03
C LYS B 122 -7.06 20.74 10.84
N VAL B 123 -6.08 20.75 9.93
CA VAL B 123 -6.24 20.09 8.63
C VAL B 123 -5.21 19.00 8.40
N VAL B 124 -3.92 19.30 8.57
CA VAL B 124 -2.89 18.39 8.09
C VAL B 124 -2.01 17.79 9.18
N LEU B 125 -1.86 18.42 10.35
CA LEU B 125 -0.94 17.92 11.38
C LEU B 125 -1.53 18.21 12.76
N PRO B 126 -2.64 17.56 13.10
CA PRO B 126 -3.13 17.67 14.48
C PRO B 126 -2.14 17.04 15.45
N LYS B 127 -2.22 17.48 16.70
CA LYS B 127 -1.42 16.85 17.74
C LYS B 127 -1.89 15.40 17.94
N SER B 128 -0.95 14.54 18.38
CA SER B 128 -1.30 13.15 18.61
C SER B 128 -2.37 13.00 19.68
N THR B 129 -2.51 14.00 20.55
CA THR B 129 -3.46 14.02 21.65
C THR B 129 -4.83 14.56 21.24
N ASP B 130 -4.97 15.00 19.99
CA ASP B 130 -6.20 15.64 19.51
C ASP B 130 -7.14 14.57 18.97
N PRO B 131 -8.34 14.42 19.52
CA PRO B 131 -9.27 13.41 18.98
C PRO B 131 -9.64 13.62 17.53
N TRP B 132 -9.56 14.84 17.01
CA TRP B 132 -9.86 15.08 15.61
C TRP B 132 -8.89 14.37 14.68
N LYS B 133 -7.69 14.04 15.16
CA LYS B 133 -6.73 13.34 14.32
C LYS B 133 -7.29 12.01 13.83
N LEU B 134 -8.02 11.28 14.69
CA LEU B 134 -8.61 10.02 14.28
C LEU B 134 -9.64 10.23 13.17
N LYS B 135 -10.37 11.33 13.22
CA LYS B 135 -11.37 11.62 12.20
C LYS B 135 -10.70 11.94 10.87
N ILE B 136 -9.67 12.79 10.88
CA ILE B 136 -8.96 13.09 9.64
C ILE B 136 -8.45 11.81 9.00
N GLU B 137 -7.86 10.92 9.80
CA GLU B 137 -7.28 9.70 9.23
C GLU B 137 -8.36 8.76 8.71
N GLU B 138 -9.51 8.70 9.39
CA GLU B 138 -10.60 7.86 8.89
C GLU B 138 -11.10 8.37 7.54
N GLY B 139 -11.30 9.69 7.41
CA GLY B 139 -11.72 10.21 6.12
C GLY B 139 -10.67 10.02 5.05
N ASP B 140 -9.39 10.18 5.42
CA ASP B 140 -8.32 10.02 4.46
C ASP B 140 -8.24 8.60 3.94
N GLN B 141 -8.60 7.62 4.76
N GLN B 141 -8.63 7.62 4.75
CA GLN B 141 -8.56 6.22 4.30
CA GLN B 141 -8.56 6.23 4.31
C GLN B 141 -9.48 6.03 3.10
C GLN B 141 -9.52 5.97 3.14
N VAL B 142 -10.62 6.72 3.08
CA VAL B 142 -11.54 6.64 1.94
C VAL B 142 -10.83 7.02 0.64
N LEU B 143 -9.88 7.95 0.71
CA LEU B 143 -9.12 8.38 -0.45
C LEU B 143 -7.98 7.44 -0.82
N GLY B 144 -7.73 6.39 -0.04
CA GLY B 144 -6.59 5.53 -0.27
C GLY B 144 -5.33 5.94 0.45
N ILE B 145 -5.38 7.01 1.25
N ILE B 145 -5.39 6.98 1.27
CA ILE B 145 -4.22 7.46 2.01
CA ILE B 145 -4.21 7.47 2.00
C ILE B 145 -3.95 6.47 3.13
C ILE B 145 -3.94 6.53 3.17
N ASP B 146 -2.68 6.12 3.32
CA ASP B 146 -2.30 5.20 4.39
C ASP B 146 -1.02 5.69 5.05
N SER B 147 -0.42 4.81 5.87
CA SER B 147 0.77 5.17 6.61
C SER B 147 1.93 5.59 5.71
N ASN B 148 2.02 5.02 4.50
CA ASN B 148 3.10 5.41 3.59
C ASN B 148 2.99 6.87 3.18
N PHE B 149 1.75 7.35 2.94
CA PHE B 149 1.56 8.75 2.63
C PHE B 149 2.01 9.64 3.78
N TYR B 150 1.59 9.30 5.01
CA TYR B 150 1.94 10.15 6.14
C TYR B 150 3.44 10.14 6.40
N LYS B 151 4.10 9.00 6.22
N LYS B 151 4.09 9.00 6.20
CA LYS B 151 5.55 8.97 6.42
CA LYS B 151 5.53 8.93 6.38
C LYS B 151 6.27 9.85 5.42
C LYS B 151 6.25 9.84 5.40
N MET B 152 5.84 9.80 4.16
N MET B 152 5.85 9.80 4.12
CA MET B 152 6.45 10.66 3.15
CA MET B 152 6.47 10.67 3.13
C MET B 152 6.20 12.13 3.46
C MET B 152 6.22 12.14 3.47
N SER B 153 4.97 12.48 3.84
CA SER B 153 4.64 13.86 4.12
C SER B 153 5.42 14.40 5.32
N GLU B 154 5.46 13.61 6.41
CA GLU B 154 6.22 14.02 7.58
C GLU B 154 7.70 14.15 7.26
N ASP B 155 8.25 13.18 6.50
CA ASP B 155 9.67 13.25 6.14
C ASP B 155 9.97 14.48 5.29
N SER B 156 9.03 14.84 4.41
CA SER B 156 9.24 16.05 3.60
C SER B 156 9.21 17.31 4.45
N LEU B 157 8.34 17.34 5.48
CA LEU B 157 8.29 18.50 6.37
C LEU B 157 9.58 18.59 7.18
N LYS B 158 10.07 17.46 7.69
CA LYS B 158 11.32 17.47 8.44
C LYS B 158 12.49 17.91 7.56
N PHE B 159 12.50 17.47 6.29
CA PHE B 159 13.55 17.91 5.37
C PHE B 159 13.45 19.41 5.10
N ALA B 160 12.24 19.94 4.92
CA ALA B 160 12.07 21.39 4.79
C ALA B 160 12.64 22.13 5.98
N PHE B 161 12.45 21.58 7.18
CA PHE B 161 12.87 22.21 8.42
C PHE B 161 14.31 21.85 8.79
N GLN B 162 14.97 21.00 7.98
CA GLN B 162 16.36 20.59 8.23
C GLN B 162 16.54 19.94 9.60
N LYS B 163 15.61 19.05 9.95
CA LYS B 163 15.62 18.32 11.21
C LYS B 163 15.63 16.82 10.95
N ASN B 164 16.43 16.09 11.72
CA ASN B 164 16.36 14.63 11.71
C ASN B 164 15.32 14.09 12.69
N HIS B 165 15.10 14.81 13.79
CA HIS B 165 14.09 14.47 14.77
C HIS B 165 13.35 15.74 15.12
N ILE B 166 12.03 15.65 15.18
CA ILE B 166 11.22 16.79 15.59
C ILE B 166 10.05 16.26 16.41
N ASN B 167 9.68 17.01 17.44
CA ASN B 167 8.48 16.73 18.22
C ASN B 167 7.33 17.45 17.53
N LEU B 168 6.59 16.72 16.70
CA LEU B 168 5.50 17.34 15.94
C LEU B 168 4.39 17.86 16.83
N ASP B 169 4.33 17.42 18.10
CA ASP B 169 3.32 17.89 19.03
C ASP B 169 3.69 19.20 19.71
N ASP B 170 4.84 19.78 19.36
CA ASP B 170 5.35 21.00 20.00
C ASP B 170 5.01 22.19 19.11
N ASP B 171 3.95 22.93 19.48
CA ASP B 171 3.56 24.13 18.73
C ASP B 171 4.70 25.13 18.61
N GLU B 172 5.48 25.30 19.67
CA GLU B 172 6.54 26.29 19.63
C GLU B 172 7.60 25.94 18.60
N ILE B 173 7.99 24.69 18.53
CA ILE B 173 8.98 24.30 17.53
C ILE B 173 8.42 24.47 16.12
N LEU B 174 7.17 24.22 15.93
CA LEU B 174 6.60 24.46 14.61
C LEU B 174 6.64 25.94 14.24
N LEU B 175 6.27 26.83 15.17
CA LEU B 175 6.34 28.26 14.91
C LEU B 175 7.77 28.70 14.63
N GLU B 176 8.73 28.22 15.44
CA GLU B 176 10.14 28.57 15.22
C GLU B 176 10.62 28.09 13.85
N CYS B 177 10.26 26.86 13.46
CA CYS B 177 10.71 26.31 12.18
C CYS B 177 10.05 27.03 11.00
N TYR B 178 8.78 27.39 11.14
CA TYR B 178 8.10 28.16 10.10
C TYR B 178 8.82 29.48 9.86
N ASP B 179 9.11 30.24 10.94
CA ASP B 179 9.79 31.51 10.80
C ASP B 179 11.18 31.32 10.21
N GLU B 180 11.92 30.31 10.66
CA GLU B 180 13.27 30.10 10.13
C GLU B 180 13.24 29.67 8.67
N TYR B 181 12.30 28.81 8.29
CA TYR B 181 12.18 28.39 6.89
C TYR B 181 11.94 29.60 5.99
N ASN B 182 11.00 30.46 6.37
CA ASN B 182 10.68 31.62 5.54
C ASN B 182 11.84 32.60 5.48
N ARG B 183 12.52 32.81 6.61
CA ARG B 183 13.70 33.66 6.62
C ARG B 183 14.79 33.10 5.70
N LEU B 184 14.97 31.78 5.72
CA LEU B 184 16.04 31.18 4.92
C LEU B 184 15.75 31.29 3.43
N VAL B 185 14.49 31.15 3.01
CA VAL B 185 14.16 31.35 1.60
C VAL B 185 14.58 32.76 1.16
N GLN B 186 14.22 33.76 1.95
CA GLN B 186 14.57 35.13 1.63
C GLN B 186 16.08 35.37 1.63
N GLU B 187 16.81 34.61 2.44
CA GLU B 187 18.26 34.75 2.44
C GLU B 187 18.92 34.06 1.23
N ILE B 188 18.36 32.93 0.80
CA ILE B 188 18.99 32.10 -0.23
C ILE B 188 18.66 32.62 -1.63
N VAL B 189 17.42 33.01 -1.87
CA VAL B 189 16.99 33.38 -3.21
C VAL B 189 17.35 34.84 -3.46
N PRO B 190 18.06 35.16 -4.54
CA PRO B 190 18.33 36.56 -4.87
C PRO B 190 17.03 37.34 -4.97
N PRO B 191 17.01 38.59 -4.47
CA PRO B 191 15.73 39.32 -4.39
C PRO B 191 15.00 39.44 -5.72
N GLU B 192 15.73 39.64 -6.82
CA GLU B 192 15.08 39.77 -8.13
C GLU B 192 14.43 38.48 -8.59
N ARG B 193 14.78 37.34 -7.97
CA ARG B 193 14.24 36.04 -8.31
C ARG B 193 13.11 35.61 -7.37
N LEU B 194 12.80 36.39 -6.35
CA LEU B 194 11.86 35.99 -5.31
C LEU B 194 10.69 36.98 -5.24
N LEU B 195 9.49 36.44 -5.11
CA LEU B 195 8.32 37.24 -4.73
C LEU B 195 7.73 36.64 -3.46
N ILE B 196 7.64 37.45 -2.42
CA ILE B 196 6.91 37.06 -1.21
C ILE B 196 5.47 37.52 -1.39
N HIS B 197 4.55 36.56 -1.37
CA HIS B 197 3.14 36.79 -1.65
C HIS B 197 2.38 36.51 -0.36
N HIS B 198 1.86 37.57 0.26
CA HIS B 198 1.12 37.42 1.49
C HIS B 198 -0.31 37.05 1.18
N LEU B 199 -0.90 36.25 2.08
CA LEU B 199 -2.28 35.84 1.91
C LEU B 199 -3.16 37.06 1.72
N GLY B 200 -3.94 37.06 0.63
CA GLY B 200 -4.77 38.18 0.25
C GLY B 200 -4.18 39.14 -0.77
N ASP B 201 -2.92 38.94 -1.18
CA ASP B 201 -2.26 39.90 -2.07
C ASP B 201 -2.85 39.89 -3.49
N GLY B 202 -3.41 38.77 -3.92
CA GLY B 202 -4.08 38.79 -5.22
C GLY B 202 -3.16 38.82 -6.43
N TRP B 203 -3.71 39.28 -7.56
CA TRP B 203 -3.02 39.17 -8.84
C TRP B 203 -1.90 40.19 -9.03
N GLU B 204 -2.03 41.39 -8.46
CA GLU B 204 -1.22 42.51 -8.94
C GLU B 204 0.28 42.24 -8.79
N SER B 205 0.73 41.90 -7.59
CA SER B 205 2.17 41.67 -7.41
C SER B 205 2.63 40.41 -8.15
N LEU B 206 1.77 39.38 -8.19
CA LEU B 206 2.15 38.14 -8.85
C LEU B 206 2.34 38.37 -10.35
N CYS B 207 1.39 39.07 -10.98
CA CYS B 207 1.47 39.26 -12.42
C CYS B 207 2.61 40.20 -12.79
N GLN B 208 2.88 41.21 -11.96
CA GLN B 208 4.00 42.09 -12.23
C GLN B 208 5.31 41.31 -12.18
N PHE B 209 5.44 40.43 -11.18
CA PHE B 209 6.64 39.62 -11.01
C PHE B 209 6.83 38.67 -12.19
N LEU B 210 5.74 38.07 -12.67
CA LEU B 210 5.80 37.10 -13.77
C LEU B 210 5.76 37.74 -15.15
N ASN B 211 5.65 39.08 -15.23
N ASN B 211 5.64 39.08 -15.22
CA ASN B 211 5.64 39.81 -16.50
CA ASN B 211 5.63 39.83 -16.48
C ASN B 211 4.44 39.44 -17.37
C ASN B 211 4.44 39.45 -17.36
N VAL B 212 3.26 39.35 -16.74
CA VAL B 212 2.02 39.09 -17.44
C VAL B 212 0.99 40.12 -16.99
N ASP B 213 -0.06 40.27 -17.79
CA ASP B 213 -1.15 41.14 -17.42
C ASP B 213 -2.04 40.47 -16.37
N ILE B 214 -2.80 41.29 -15.65
CA ILE B 214 -3.79 40.73 -14.73
C ILE B 214 -4.88 40.04 -15.55
N PRO B 215 -5.26 38.81 -15.21
CA PRO B 215 -6.29 38.09 -15.99
C PRO B 215 -7.62 38.83 -15.98
N ASN B 216 -8.09 39.20 -17.16
CA ASN B 216 -9.28 40.03 -17.29
C ASN B 216 -10.52 39.25 -16.84
N GLY B 217 -11.19 39.76 -15.82
CA GLY B 217 -12.45 39.19 -15.38
C GLY B 217 -12.34 37.91 -14.60
N ILE B 218 -11.13 37.49 -14.24
CA ILE B 218 -10.90 36.25 -13.51
C ILE B 218 -10.35 36.63 -12.15
N SER B 219 -11.05 36.22 -11.09
CA SER B 219 -10.64 36.57 -9.74
C SER B 219 -9.55 35.63 -9.24
N TYR B 220 -8.75 36.15 -8.32
CA TYR B 220 -7.71 35.32 -7.72
C TYR B 220 -8.34 34.20 -6.90
N PRO B 221 -7.82 32.97 -7.01
CA PRO B 221 -8.49 31.83 -6.35
C PRO B 221 -8.50 31.94 -4.82
N CYS B 222 -9.56 31.40 -4.22
CA CYS B 222 -9.71 31.36 -2.76
C CYS B 222 -10.16 29.96 -2.35
N ALA B 223 -9.25 29.00 -2.43
CA ALA B 223 -9.55 27.59 -2.30
C ALA B 223 -8.97 27.02 -1.02
N ASN B 224 -9.53 25.87 -0.58
CA ASN B 224 -8.87 25.00 0.39
C ASN B 224 -8.92 25.51 1.84
N SER B 225 -10.01 26.20 2.22
CA SER B 225 -10.16 26.72 3.58
C SER B 225 -10.30 25.58 4.60
N HIS B 226 -9.96 25.88 5.85
CA HIS B 226 -10.11 24.85 6.88
C HIS B 226 -11.57 24.47 7.08
N HIS B 227 -12.49 25.42 6.84
N HIS B 227 -12.49 25.42 6.84
CA HIS B 227 -13.90 25.10 6.94
CA HIS B 227 -13.91 25.11 6.93
C HIS B 227 -14.28 24.02 5.91
C HIS B 227 -14.29 24.04 5.91
N GLN B 228 -13.82 24.20 4.67
CA GLN B 228 -14.11 23.22 3.63
C GLN B 228 -13.44 21.88 3.92
N MET B 229 -12.21 21.91 4.45
CA MET B 229 -11.50 20.67 4.74
C MET B 229 -12.18 19.89 5.85
N THR B 230 -12.67 20.58 6.87
CA THR B 230 -13.41 19.89 7.91
C THR B 230 -14.68 19.26 7.34
N GLN B 231 -15.37 19.98 6.45
CA GLN B 231 -16.54 19.42 5.79
C GLN B 231 -16.18 18.21 4.93
N LEU B 232 -15.04 18.28 4.23
CA LEU B 232 -14.61 17.16 3.40
C LEU B 232 -14.38 15.91 4.25
N THR B 233 -13.66 16.06 5.37
CA THR B 233 -13.45 14.92 6.26
C THR B 233 -14.78 14.33 6.73
N GLU B 234 -15.73 15.18 7.12
CA GLU B 234 -17.01 14.70 7.61
C GLU B 234 -17.77 13.96 6.52
N GLN B 235 -17.74 14.48 5.29
CA GLN B 235 -18.51 13.85 4.22
C GLN B 235 -17.86 12.56 3.73
N LEU B 236 -16.53 12.49 3.75
CA LEU B 236 -15.85 11.24 3.43
C LEU B 236 -16.20 10.15 4.44
N ILE B 237 -16.22 10.49 5.73
CA ILE B 237 -16.61 9.53 6.76
C ILE B 237 -18.05 9.08 6.55
N LYS B 238 -18.93 10.02 6.23
CA LYS B 238 -20.37 9.72 6.15
C LYS B 238 -20.69 8.83 4.96
N HIS B 239 -20.12 9.14 3.79
CA HIS B 239 -20.52 8.49 2.55
C HIS B 239 -19.51 7.49 2.01
N LYS B 240 -18.26 7.54 2.49
CA LYS B 240 -17.25 6.53 2.17
C LYS B 240 -16.96 6.44 0.67
N SER B 241 -17.11 7.57 -0.03
CA SER B 241 -16.86 7.61 -1.48
C SER B 241 -16.60 9.04 -1.87
N LEU B 242 -15.44 9.30 -2.48
CA LEU B 242 -15.18 10.64 -3.01
C LEU B 242 -16.13 10.96 -4.15
N ASP B 243 -16.36 9.99 -5.05
CA ASP B 243 -17.23 10.25 -6.19
C ASP B 243 -18.63 10.66 -5.76
N ASP B 244 -19.13 10.10 -4.65
CA ASP B 244 -20.50 10.40 -4.23
C ASP B 244 -20.62 11.81 -3.65
N ILE B 245 -19.51 12.43 -3.26
CA ILE B 245 -19.56 13.72 -2.59
C ILE B 245 -18.90 14.84 -3.38
N ILE B 246 -18.26 14.55 -4.52
CA ILE B 246 -17.42 15.57 -5.14
C ILE B 246 -18.25 16.77 -5.61
N HIS B 247 -19.54 16.55 -5.90
CA HIS B 247 -20.41 17.67 -6.28
C HIS B 247 -20.59 18.68 -5.15
N MET B 248 -20.26 18.31 -3.91
CA MET B 248 -20.31 19.24 -2.79
C MET B 248 -19.04 20.08 -2.65
N PHE B 249 -18.00 19.78 -3.42
CA PHE B 249 -16.70 20.44 -3.28
C PHE B 249 -16.18 20.94 -4.62
N PRO B 250 -16.95 21.79 -5.32
CA PRO B 250 -16.49 22.29 -6.61
C PRO B 250 -15.25 23.15 -6.46
N GLY B 251 -14.35 23.04 -7.44
CA GLY B 251 -13.17 23.88 -7.45
C GLY B 251 -12.12 23.51 -6.43
N LEU B 252 -12.07 22.25 -6.04
CA LEU B 252 -11.06 21.79 -5.11
C LEU B 252 -10.01 20.94 -5.79
N ILE B 253 -10.41 19.88 -6.46
CA ILE B 253 -9.46 18.94 -7.08
C ILE B 253 -9.00 19.45 -8.45
#